data_9MCW
#
_entry.id   9MCW
#
_entity_poly.entity_id   1
_entity_poly.type   'polyribonucleotide'
_entity_poly.pdbx_seq_one_letter_code
;GGUGCAGUAUUCUAGUCAGGGAAAUGCUUUUUGAAGGCGGGGCUAAAAAUCCGCUAAAGGGCACAUCGAUGAAGUUCCUG
GUGCUGGCCUUAGAAUGCCCAGUCUUGGGCUUGUGCUGGGAGUUAAAAAAGCUGGGGCACUCGCAAUGGCAUGCGACAAA
UGACCCUACUUUUGUGGAGGCCAAUUAUUGUAUAUUGAGAGAGAUAUUCAAUAUACGAAAUUGGGGUAAACCUGCAAUGU
GGUGUAAAAGCUAUGUGCAGUGUAGCCUGCCUUGAGUGGUAUGGGGAGAGGAGAUAAACAAGUCAAAAAUUUUAGGCCUA
AGUUUUUGUACUAUUGAACUCUGAAACCUAUGUUGCAAAAGAGGCUAAGAAAGCAUCUAACUGUUGAGGAAAACUCCUAG
ACUGUUUUGGUAAAAUGAGGAUUGCAGUGCGGACUUAGUGGCAAUUCAGUCCUGAAAGUGGCAACACUUCAGCUCGGAUA
UUAAAGGGAAACCGCUAUAUGGCGACGUAUAGUUAUUCGUGGGGAAAGCCUACUGAACCUAUGCCGUAAGAUUUACUUAU
UUUGUUACCACAUUGCC
;
_entity_poly.pdbx_strand_id   A,B
#